data_7T32
#
_entry.id   7T32
#
_cell.length_a   1.00
_cell.length_b   1.00
_cell.length_c   1.00
_cell.angle_alpha   90.00
_cell.angle_beta   90.00
_cell.angle_gamma   90.00
#
_symmetry.space_group_name_H-M   'P 1'
#
loop_
_entity.id
_entity.type
_entity.pdbx_description
1 polymer 'Adenosine receptor A2a/Soluble cytochrome b562 Fusion Protein'
2 non-polymer 4-{2-[(7-amino-2-furan-2-yl[1,2,4]triazolo[1,5-a][1,3,5]triazin-5-yl)amino]ethyl}phenol
#
_entity_poly.entity_id   1
_entity_poly.type   'polypeptide(L)'
_entity_poly.pdbx_seq_one_letter_code
;VYITVELAIAVLAILGNVLVCWAVWLNSNLQNVTNYFVVSLAAADIAVGVLAIPFAITISTGFCAACHGCLFIACFVLVL
TQSSIFSLLAIAIDRYIAIRIPLRYNGLVTGTRAKGIIAICWVLSFAIGLTPMLGWNNCGQPKEGKNHSQGCGEGQVACL
FEDVVPMNYMVYFNFFACVLVPLLLMLGVYLRIFLAARRQLADLEDNWETLNDNLKVIEKADNAAQVKDALTKMRAAALD
AQKATPPKLEDKSPDSPEMKDFRHGFDILVGQIDDALKLANEGKVKEAQAAAEQLKTTRNAYIQKYLERARSTLQKEVHA
AKSLAIIVGLFALCWLPLHIINCFTFFCPDCSHAPLWLMYLAIVLSHTNSVVNPFIYAYRIREFRQTFRKI
;
_entity_poly.pdbx_strand_id   A
#
# COMPACT_ATOMS: atom_id res chain seq x y z
N VAL A 1 -35.19 -3.98 0.13
CA VAL A 1 -34.20 -3.44 1.05
C VAL A 1 -32.81 -3.95 0.67
N TYR A 2 -32.57 -5.23 0.91
CA TYR A 2 -31.28 -5.83 0.55
C TYR A 2 -31.06 -5.81 -0.95
N ILE A 3 -32.11 -6.07 -1.73
CA ILE A 3 -31.97 -6.05 -3.18
C ILE A 3 -31.64 -4.65 -3.67
N THR A 4 -32.22 -3.62 -3.05
CA THR A 4 -31.99 -2.25 -3.49
C THR A 4 -30.55 -1.82 -3.25
N VAL A 5 -30.01 -2.12 -2.06
CA VAL A 5 -28.69 -1.63 -1.71
C VAL A 5 -27.61 -2.31 -2.55
N GLU A 6 -27.77 -3.60 -2.85
CA GLU A 6 -26.77 -4.30 -3.65
C GLU A 6 -26.66 -3.70 -5.04
N LEU A 7 -27.81 -3.44 -5.68
CA LEU A 7 -27.78 -2.80 -6.99
C LEU A 7 -27.22 -1.39 -6.91
N ALA A 8 -27.58 -0.66 -5.85
CA ALA A 8 -27.07 0.70 -5.70
C ALA A 8 -25.56 0.72 -5.53
N ILE A 9 -25.02 -0.19 -4.71
CA ILE A 9 -23.57 -0.27 -4.54
C ILE A 9 -22.90 -0.75 -5.82
N ALA A 10 -23.56 -1.65 -6.56
CA ALA A 10 -22.97 -2.19 -7.78
C ALA A 10 -22.74 -1.10 -8.82
N VAL A 11 -23.73 -0.22 -9.02
CA VAL A 11 -23.62 0.80 -10.06
C VAL A 11 -22.44 1.73 -9.77
N LEU A 12 -22.25 2.09 -8.50
CA LEU A 12 -21.13 2.96 -8.15
C LEU A 12 -19.79 2.28 -8.38
N ALA A 13 -19.77 0.94 -8.42
CA ALA A 13 -18.51 0.22 -8.58
C ALA A 13 -17.96 0.38 -10.00
N ILE A 14 -18.81 0.20 -11.01
CA ILE A 14 -18.33 0.29 -12.39
C ILE A 14 -17.92 1.72 -12.72
N LEU A 15 -18.87 2.66 -12.65
CA LEU A 15 -18.58 4.03 -13.05
C LEU A 15 -17.53 4.66 -12.15
N GLY A 16 -17.53 4.32 -10.86
CA GLY A 16 -16.56 4.89 -9.95
C GLY A 16 -15.14 4.46 -10.26
N ASN A 17 -14.95 3.17 -10.55
CA ASN A 17 -13.61 2.65 -10.77
C ASN A 17 -13.20 2.59 -12.23
N VAL A 18 -14.13 2.78 -13.17
CA VAL A 18 -13.73 2.87 -14.57
C VAL A 18 -12.97 4.15 -14.82
N LEU A 19 -13.25 5.21 -14.05
CA LEU A 19 -12.50 6.45 -14.17
C LEU A 19 -11.04 6.25 -13.79
N VAL A 20 -10.79 5.47 -12.73
CA VAL A 20 -9.41 5.21 -12.31
C VAL A 20 -8.65 4.48 -13.42
N CYS A 21 -9.28 3.49 -14.04
CA CYS A 21 -8.68 2.86 -15.22
C CYS A 21 -8.58 3.85 -16.37
N TRP A 22 -9.60 4.71 -16.53
CA TRP A 22 -9.57 5.70 -17.60
C TRP A 22 -8.45 6.72 -17.39
N ALA A 23 -8.22 7.12 -16.14
CA ALA A 23 -7.25 8.18 -15.86
C ALA A 23 -5.84 7.75 -16.22
N VAL A 24 -5.52 6.47 -16.04
CA VAL A 24 -4.17 5.97 -16.27
C VAL A 24 -3.93 5.87 -17.77
N TRP A 25 -5.00 5.97 -18.56
CA TRP A 25 -4.89 5.80 -20.00
C TRP A 25 -4.78 7.13 -20.73
N LEU A 26 -5.36 8.19 -20.16
CA LEU A 26 -5.39 9.50 -20.79
C LEU A 26 -4.56 10.53 -20.02
N ASN A 27 -3.56 10.06 -19.29
CA ASN A 27 -2.68 10.96 -18.55
C ASN A 27 -1.30 10.34 -18.36
N SER A 28 -0.32 10.79 -19.14
N SER A 28 -0.32 10.79 -19.14
CA SER A 28 1.03 10.25 -19.03
CA SER A 28 1.03 10.24 -19.02
C SER A 28 1.68 10.63 -17.71
C SER A 28 1.68 10.62 -17.70
N ASN A 29 1.19 11.68 -17.05
CA ASN A 29 1.74 12.08 -15.75
C ASN A 29 1.52 11.00 -14.71
N LEU A 30 0.34 10.38 -14.70
CA LEU A 30 0.00 9.35 -13.73
C LEU A 30 0.19 7.99 -14.40
N GLN A 31 1.46 7.56 -14.51
CA GLN A 31 1.77 6.27 -15.10
C GLN A 31 3.08 5.73 -14.56
N ASN A 32 3.01 4.78 -13.62
CA ASN A 32 4.19 4.17 -13.04
C ASN A 32 3.80 2.80 -12.49
N VAL A 33 4.73 2.17 -11.77
CA VAL A 33 4.49 0.82 -11.25
C VAL A 33 3.40 0.84 -10.19
N THR A 34 3.40 1.86 -9.33
CA THR A 34 2.35 1.98 -8.31
C THR A 34 0.98 2.12 -8.97
N ASN A 35 0.89 2.93 -10.02
CA ASN A 35 -0.36 3.05 -10.73
C ASN A 35 -0.75 1.77 -11.46
N TYR A 36 0.23 1.01 -11.95
CA TYR A 36 -0.06 -0.29 -12.54
C TYR A 36 -0.69 -1.22 -11.50
N PHE A 37 -0.13 -1.23 -10.29
CA PHE A 37 -0.69 -2.08 -9.24
C PHE A 37 -2.10 -1.62 -8.86
N VAL A 38 -2.31 -0.31 -8.76
CA VAL A 38 -3.59 0.19 -8.26
C VAL A 38 -4.65 0.05 -9.35
N VAL A 39 -4.24 0.01 -10.62
CA VAL A 39 -5.18 -0.24 -11.70
C VAL A 39 -5.46 -1.72 -11.87
N SER A 40 -4.53 -2.59 -11.48
CA SER A 40 -4.87 -4.00 -11.34
C SER A 40 -5.91 -4.19 -10.24
N LEU A 41 -5.71 -3.51 -9.10
CA LEU A 41 -6.70 -3.54 -8.04
C LEU A 41 -8.02 -2.94 -8.49
N ALA A 42 -7.96 -1.85 -9.27
CA ALA A 42 -9.18 -1.26 -9.82
C ALA A 42 -9.90 -2.20 -10.79
N ALA A 43 -9.16 -2.96 -11.59
CA ALA A 43 -9.78 -3.95 -12.46
C ALA A 43 -10.45 -5.05 -11.64
N ALA A 44 -9.82 -5.45 -10.54
CA ALA A 44 -10.48 -6.39 -9.63
C ALA A 44 -11.77 -5.81 -9.08
N ASP A 45 -11.76 -4.52 -8.74
CA ASP A 45 -12.97 -3.86 -8.27
C ASP A 45 -14.05 -3.82 -9.35
N ILE A 46 -13.65 -3.55 -10.60
CA ILE A 46 -14.60 -3.60 -11.71
C ILE A 46 -15.22 -4.98 -11.81
N ALA A 47 -14.39 -6.02 -11.74
CA ALA A 47 -14.90 -7.38 -11.86
C ALA A 47 -15.88 -7.71 -10.74
N VAL A 48 -15.53 -7.34 -9.50
CA VAL A 48 -16.44 -7.66 -8.40
C VAL A 48 -17.75 -6.90 -8.54
N GLY A 49 -17.69 -5.61 -8.87
CA GLY A 49 -18.89 -4.83 -9.06
C GLY A 49 -19.78 -5.36 -10.15
N VAL A 50 -19.19 -5.81 -11.26
CA VAL A 50 -19.99 -6.31 -12.37
C VAL A 50 -20.62 -7.65 -12.03
N LEU A 51 -19.85 -8.56 -11.42
CA LEU A 51 -20.29 -9.95 -11.37
C LEU A 51 -20.76 -10.41 -9.99
N ALA A 52 -20.07 -10.05 -8.91
CA ALA A 52 -20.39 -10.63 -7.61
C ALA A 52 -21.76 -10.16 -7.11
N ILE A 53 -22.13 -8.92 -7.38
CA ILE A 53 -23.42 -8.39 -6.92
C ILE A 53 -24.57 -9.17 -7.54
N PRO A 54 -24.60 -9.41 -8.86
CA PRO A 54 -25.63 -10.32 -9.39
C PRO A 54 -25.53 -11.72 -8.79
N PHE A 55 -24.31 -12.22 -8.59
CA PHE A 55 -24.13 -13.54 -8.00
C PHE A 55 -24.70 -13.59 -6.58
N ALA A 56 -24.37 -12.58 -5.78
CA ALA A 56 -24.89 -12.53 -4.42
C ALA A 56 -26.40 -12.39 -4.39
N ILE A 57 -26.96 -11.56 -5.29
CA ILE A 57 -28.40 -11.33 -5.27
C ILE A 57 -29.16 -12.56 -5.75
N THR A 58 -28.54 -13.37 -6.64
CA THR A 58 -29.24 -14.56 -7.11
C THR A 58 -29.05 -15.73 -6.16
N ILE A 59 -27.96 -15.74 -5.39
CA ILE A 59 -27.77 -16.81 -4.42
C ILE A 59 -28.48 -16.49 -3.10
N SER A 60 -28.82 -15.22 -2.86
CA SER A 60 -29.50 -14.86 -1.62
C SER A 60 -30.88 -15.49 -1.53
N THR A 61 -31.64 -15.46 -2.63
CA THR A 61 -32.96 -16.05 -2.66
C THR A 61 -32.90 -17.54 -2.97
N GLY A 62 -32.17 -17.92 -4.02
CA GLY A 62 -32.04 -19.31 -4.40
C GLY A 62 -32.02 -19.52 -5.90
N PHE A 63 -31.04 -20.29 -6.38
CA PHE A 63 -30.95 -20.60 -7.81
C PHE A 63 -30.37 -22.01 -7.91
N CYS A 64 -31.25 -22.99 -8.06
CA CYS A 64 -30.83 -24.38 -8.10
C CYS A 64 -30.11 -24.67 -9.41
N ALA A 65 -28.94 -25.30 -9.31
CA ALA A 65 -28.11 -25.62 -10.46
C ALA A 65 -27.13 -26.71 -10.05
N ALA A 66 -26.13 -26.95 -10.91
CA ALA A 66 -25.09 -27.92 -10.59
C ALA A 66 -24.28 -27.45 -9.39
N CYS A 67 -23.76 -28.43 -8.64
CA CYS A 67 -23.03 -28.09 -7.42
C CYS A 67 -21.76 -27.31 -7.72
N HIS A 68 -21.05 -27.67 -8.80
CA HIS A 68 -19.84 -26.95 -9.16
C HIS A 68 -20.14 -25.49 -9.49
N GLY A 69 -21.21 -25.25 -10.25
CA GLY A 69 -21.57 -23.88 -10.58
C GLY A 69 -21.94 -23.07 -9.34
N CYS A 70 -22.73 -23.65 -8.44
CA CYS A 70 -23.10 -22.95 -7.22
C CYS A 70 -21.87 -22.66 -6.37
N LEU A 71 -20.93 -23.59 -6.32
CA LEU A 71 -19.69 -23.36 -5.58
C LEU A 71 -18.87 -22.24 -6.21
N PHE A 72 -18.88 -22.16 -7.54
CA PHE A 72 -18.22 -21.06 -8.23
C PHE A 72 -18.85 -19.72 -7.87
N ILE A 73 -20.19 -19.71 -7.79
CA ILE A 73 -20.94 -18.50 -7.46
C ILE A 73 -20.47 -17.96 -6.12
N ALA A 74 -20.08 -18.85 -5.21
CA ALA A 74 -19.63 -18.45 -3.88
C ALA A 74 -18.14 -18.20 -3.78
N CYS A 75 -17.32 -18.83 -4.63
CA CYS A 75 -15.87 -18.63 -4.57
C CYS A 75 -15.38 -17.47 -5.44
N PHE A 76 -16.24 -16.93 -6.31
CA PHE A 76 -15.81 -15.83 -7.17
C PHE A 76 -15.48 -14.58 -6.36
N VAL A 77 -16.29 -14.29 -5.34
CA VAL A 77 -16.00 -13.15 -4.48
C VAL A 77 -14.68 -13.36 -3.75
N LEU A 78 -14.43 -14.60 -3.31
CA LEU A 78 -13.21 -14.89 -2.57
C LEU A 78 -11.97 -14.71 -3.44
N VAL A 79 -12.04 -15.17 -4.69
CA VAL A 79 -10.88 -14.99 -5.57
C VAL A 79 -10.67 -13.51 -5.89
N LEU A 80 -11.75 -12.76 -6.11
CA LEU A 80 -11.59 -11.33 -6.34
C LEU A 80 -11.14 -10.57 -5.11
N THR A 81 -11.27 -11.15 -3.92
CA THR A 81 -10.69 -10.58 -2.70
C THR A 81 -9.22 -10.92 -2.55
N GLN A 82 -8.84 -12.16 -2.87
CA GLN A 82 -7.43 -12.54 -2.81
C GLN A 82 -6.60 -11.73 -3.80
N SER A 83 -7.16 -11.45 -4.98
CA SER A 83 -6.45 -10.60 -5.94
C SER A 83 -6.18 -9.23 -5.35
N SER A 84 -7.19 -8.64 -4.69
CA SER A 84 -7.03 -7.33 -4.10
C SER A 84 -5.97 -7.34 -3.00
N ILE A 85 -5.96 -8.37 -2.16
CA ILE A 85 -4.98 -8.39 -1.07
C ILE A 85 -3.57 -8.54 -1.62
N PHE A 86 -3.39 -9.37 -2.65
CA PHE A 86 -2.07 -9.47 -3.27
C PHE A 86 -1.63 -8.15 -3.88
N SER A 87 -2.54 -7.44 -4.55
CA SER A 87 -2.18 -6.16 -5.13
C SER A 87 -1.79 -5.16 -4.05
N LEU A 88 -2.52 -5.17 -2.93
CA LEU A 88 -2.18 -4.25 -1.84
C LEU A 88 -0.82 -4.58 -1.24
N LEU A 89 -0.51 -5.87 -1.09
CA LEU A 89 0.82 -6.25 -0.60
C LEU A 89 1.91 -5.78 -1.54
N ALA A 90 1.69 -5.93 -2.85
CA ALA A 90 2.67 -5.45 -3.83
C ALA A 90 2.85 -3.94 -3.73
N ILE A 91 1.76 -3.21 -3.54
CA ILE A 91 1.83 -1.75 -3.39
C ILE A 91 2.67 -1.40 -2.16
N ALA A 92 2.43 -2.09 -1.05
CA ALA A 92 3.17 -1.80 0.18
C ALA A 92 4.66 -2.08 -0.01
N ILE A 93 5.00 -3.20 -0.66
CA ILE A 93 6.40 -3.51 -0.91
C ILE A 93 7.04 -2.45 -1.80
N ASP A 94 6.31 -2.00 -2.83
CA ASP A 94 6.83 -0.95 -3.71
C ASP A 94 7.14 0.31 -2.93
N ARG A 95 6.21 0.75 -2.07
CA ARG A 95 6.43 1.96 -1.30
C ARG A 95 7.61 1.79 -0.35
N TYR A 96 7.72 0.64 0.30
CA TYR A 96 8.83 0.43 1.21
C TYR A 96 10.17 0.48 0.48
N ILE A 97 10.25 -0.16 -0.69
CA ILE A 97 11.48 -0.11 -1.47
C ILE A 97 11.81 1.33 -1.84
N ALA A 98 10.81 2.05 -2.36
CA ALA A 98 11.06 3.40 -2.86
C ALA A 98 11.54 4.33 -1.77
N ILE A 99 10.98 4.20 -0.55
CA ILE A 99 11.35 5.14 0.51
C ILE A 99 12.62 4.70 1.22
N ARG A 100 12.76 3.40 1.51
CA ARG A 100 13.94 2.93 2.25
C ARG A 100 15.21 3.03 1.40
N ILE A 101 15.15 2.64 0.13
CA ILE A 101 16.35 2.63 -0.70
C ILE A 101 16.10 3.38 -1.99
N PRO A 102 16.02 4.72 -1.95
CA PRO A 102 15.75 5.48 -3.18
C PRO A 102 16.81 5.31 -4.24
N LEU A 103 18.06 5.05 -3.86
CA LEU A 103 19.12 4.93 -4.85
C LEU A 103 18.89 3.74 -5.77
N ARG A 104 18.45 2.61 -5.22
CA ARG A 104 18.26 1.38 -5.99
C ARG A 104 16.80 1.12 -6.33
N TYR A 105 15.92 2.09 -6.07
CA TYR A 105 14.49 1.89 -6.35
C TYR A 105 14.25 1.62 -7.83
N ASN A 106 14.79 2.47 -8.70
CA ASN A 106 14.60 2.28 -10.14
C ASN A 106 15.29 1.01 -10.62
N GLY A 107 16.41 0.65 -10.01
CA GLY A 107 17.12 -0.56 -10.38
C GLY A 107 16.35 -1.83 -10.06
N LEU A 108 15.73 -1.87 -8.88
CA LEU A 108 15.03 -3.07 -8.43
C LEU A 108 13.54 -3.07 -8.78
N VAL A 109 13.00 -1.99 -9.33
CA VAL A 109 11.61 -1.96 -9.76
C VAL A 109 11.58 -1.62 -11.25
N THR A 110 10.92 -2.48 -12.04
CA THR A 110 10.81 -2.30 -13.47
C THR A 110 9.40 -2.66 -13.90
N GLY A 111 8.96 -2.07 -15.01
CA GLY A 111 7.61 -2.31 -15.49
C GLY A 111 7.36 -3.76 -15.87
N THR A 112 8.35 -4.40 -16.52
CA THR A 112 8.20 -5.80 -16.90
C THR A 112 8.06 -6.69 -15.66
N ARG A 113 8.90 -6.46 -14.65
CA ARG A 113 8.78 -7.24 -13.42
C ARG A 113 7.47 -6.96 -12.70
N ALA A 114 7.00 -5.72 -12.73
CA ALA A 114 5.71 -5.40 -12.11
C ALA A 114 4.58 -6.14 -12.80
N LYS A 115 4.58 -6.17 -14.14
CA LYS A 115 3.56 -6.90 -14.87
C LYS A 115 3.64 -8.40 -14.58
N GLY A 116 4.86 -8.93 -14.49
CA GLY A 116 5.03 -10.33 -14.15
C GLY A 116 4.46 -10.66 -12.78
N ILE A 117 4.73 -9.80 -11.80
CA ILE A 117 4.21 -10.01 -10.46
C ILE A 117 2.69 -9.90 -10.44
N ILE A 118 2.14 -8.99 -11.23
CA ILE A 118 0.68 -8.86 -11.32
C ILE A 118 0.07 -10.14 -11.88
N ALA A 119 0.67 -10.67 -12.95
CA ALA A 119 0.15 -11.92 -13.52
C ALA A 119 0.28 -13.06 -12.52
N ILE A 120 1.41 -13.15 -11.82
CA ILE A 120 1.62 -14.23 -10.85
C ILE A 120 0.60 -14.15 -9.73
N CYS A 121 0.37 -12.95 -9.20
CA CYS A 121 -0.57 -12.84 -8.09
C CYS A 121 -2.01 -13.07 -8.54
N TRP A 122 -2.34 -12.69 -9.79
CA TRP A 122 -3.70 -12.97 -10.28
C TRP A 122 -3.93 -14.46 -10.46
N VAL A 123 -2.96 -15.18 -11.05
CA VAL A 123 -3.16 -16.62 -11.22
C VAL A 123 -3.14 -17.31 -9.86
N LEU A 124 -2.33 -16.82 -8.92
CA LEU A 124 -2.36 -17.35 -7.56
C LEU A 124 -3.72 -17.13 -6.92
N SER A 125 -4.31 -15.96 -7.10
CA SER A 125 -5.65 -15.71 -6.58
C SER A 125 -6.66 -16.68 -7.18
N PHE A 126 -6.58 -16.91 -8.49
CA PHE A 126 -7.39 -17.94 -9.12
C PHE A 126 -7.18 -19.30 -8.47
N ALA A 127 -5.95 -19.58 -8.01
CA ALA A 127 -5.69 -20.86 -7.38
C ALA A 127 -6.54 -21.05 -6.12
N ILE A 128 -6.52 -20.06 -5.21
CA ILE A 128 -7.35 -20.16 -4.01
C ILE A 128 -8.83 -20.16 -4.39
N GLY A 129 -9.22 -19.34 -5.36
CA GLY A 129 -10.61 -19.28 -5.74
C GLY A 129 -11.15 -20.60 -6.25
N LEU A 130 -10.35 -21.31 -7.05
CA LEU A 130 -10.78 -22.58 -7.61
C LEU A 130 -10.43 -23.78 -6.74
N THR A 131 -9.70 -23.57 -5.64
CA THR A 131 -9.36 -24.68 -4.76
C THR A 131 -10.57 -25.46 -4.26
N PRO A 132 -11.66 -24.83 -3.80
CA PRO A 132 -12.81 -25.64 -3.36
C PRO A 132 -13.45 -26.45 -4.47
N MET A 133 -13.25 -26.06 -5.74
CA MET A 133 -13.92 -26.76 -6.83
C MET A 133 -13.44 -28.20 -6.96
N LEU A 134 -12.13 -28.42 -6.89
CA LEU A 134 -11.57 -29.73 -7.22
C LEU A 134 -12.02 -30.83 -6.26
N GLY A 135 -11.57 -30.77 -5.00
CA GLY A 135 -11.88 -31.85 -4.08
C GLY A 135 -12.52 -31.44 -2.77
N TRP A 136 -12.29 -30.20 -2.34
CA TRP A 136 -12.69 -29.74 -1.00
C TRP A 136 -14.01 -28.99 -1.12
N ASN A 137 -15.10 -29.75 -1.04
CA ASN A 137 -16.44 -29.18 -1.12
C ASN A 137 -17.35 -29.96 -0.18
N ASN A 138 -18.62 -29.55 -0.12
CA ASN A 138 -19.63 -30.21 0.68
C ASN A 138 -20.79 -30.72 -0.18
N CYS A 139 -20.52 -31.01 -1.45
CA CYS A 139 -21.57 -31.49 -2.35
C CYS A 139 -22.12 -32.83 -1.90
N GLY A 140 -21.27 -33.68 -1.32
CA GLY A 140 -21.70 -35.02 -0.96
C GLY A 140 -22.64 -35.06 0.24
N GLN A 141 -22.64 -34.02 1.06
CA GLN A 141 -23.45 -34.04 2.26
C GLN A 141 -24.93 -33.85 1.90
N PRO A 142 -25.79 -34.80 2.27
CA PRO A 142 -27.22 -34.67 1.93
C PRO A 142 -27.92 -33.57 2.70
N LYS A 143 -28.87 -32.89 2.05
CA LYS A 143 -29.84 -32.02 2.72
C LYS A 143 -31.22 -32.39 2.18
N GLU A 144 -31.84 -33.40 2.81
CA GLU A 144 -33.07 -33.99 2.31
C GLU A 144 -34.21 -32.98 2.30
N GLY A 145 -34.45 -32.35 3.45
CA GLY A 145 -35.52 -31.38 3.57
C GLY A 145 -35.34 -30.23 2.60
N LYS A 146 -34.11 -29.73 2.50
CA LYS A 146 -33.86 -28.62 1.59
C LYS A 146 -34.14 -29.02 0.15
N ASN A 147 -33.51 -30.10 -0.32
CA ASN A 147 -33.64 -30.46 -1.73
C ASN A 147 -35.08 -30.81 -2.07
N HIS A 148 -35.83 -31.35 -1.11
CA HIS A 148 -37.26 -31.55 -1.33
C HIS A 148 -38.00 -30.21 -1.42
N SER A 149 -37.63 -29.23 -0.59
CA SER A 149 -38.32 -27.95 -0.60
C SER A 149 -38.10 -27.21 -1.92
N GLN A 150 -36.87 -27.18 -2.42
CA GLN A 150 -36.59 -26.54 -3.70
C GLN A 150 -36.71 -27.50 -4.89
N GLY A 151 -37.17 -28.73 -4.68
CA GLY A 151 -37.44 -29.62 -5.78
C GLY A 151 -36.19 -29.99 -6.57
N CYS A 152 -35.13 -30.34 -5.86
CA CYS A 152 -33.83 -30.59 -6.48
C CYS A 152 -33.85 -31.95 -7.15
N GLY A 153 -33.62 -31.94 -8.47
CA GLY A 153 -33.40 -33.17 -9.20
C GLY A 153 -32.06 -33.79 -8.82
N GLU A 154 -31.78 -34.99 -9.32
CA GLU A 154 -30.54 -35.67 -8.99
C GLU A 154 -29.32 -34.84 -9.41
N GLY A 155 -29.32 -34.34 -10.64
CA GLY A 155 -28.18 -33.57 -11.11
C GLY A 155 -28.03 -32.24 -10.40
N GLN A 156 -29.13 -31.52 -10.22
CA GLN A 156 -29.07 -30.15 -9.71
C GLN A 156 -29.14 -30.12 -8.19
N VAL A 157 -28.48 -29.13 -7.60
CA VAL A 157 -28.43 -28.95 -6.16
C VAL A 157 -28.80 -27.52 -5.82
N ALA A 158 -29.53 -27.35 -4.71
CA ALA A 158 -29.92 -26.03 -4.26
C ALA A 158 -28.69 -25.26 -3.77
N CYS A 159 -28.82 -23.93 -3.79
CA CYS A 159 -27.74 -23.03 -3.38
C CYS A 159 -28.00 -22.54 -1.97
N LEU A 160 -27.08 -22.87 -1.05
CA LEU A 160 -27.16 -22.39 0.33
C LEU A 160 -25.71 -22.39 0.84
N PHE A 161 -25.15 -21.17 0.92
CA PHE A 161 -23.72 -20.94 1.11
C PHE A 161 -23.08 -21.77 2.21
N GLU A 162 -23.58 -21.64 3.44
CA GLU A 162 -22.91 -22.25 4.59
C GLU A 162 -22.93 -23.77 4.50
N ASP A 163 -23.87 -24.34 3.73
CA ASP A 163 -23.98 -25.78 3.58
C ASP A 163 -23.52 -26.26 2.21
N VAL A 164 -22.97 -25.37 1.38
CA VAL A 164 -22.46 -25.80 0.08
C VAL A 164 -20.96 -25.55 0.01
N VAL A 165 -20.45 -24.66 0.86
CA VAL A 165 -19.00 -24.43 0.86
C VAL A 165 -18.46 -24.91 2.21
N PRO A 166 -17.25 -25.51 2.25
CA PRO A 166 -16.74 -26.03 3.53
C PRO A 166 -16.47 -24.94 4.55
N MET A 167 -17.29 -24.93 5.60
CA MET A 167 -17.19 -23.90 6.63
C MET A 167 -15.85 -23.98 7.36
N ASN A 168 -15.42 -25.19 7.71
CA ASN A 168 -14.15 -25.37 8.41
C ASN A 168 -12.99 -24.94 7.53
N TYR A 169 -13.01 -25.34 6.25
CA TYR A 169 -12.00 -24.89 5.31
C TYR A 169 -11.92 -23.37 5.27
N MET A 170 -13.06 -22.72 5.08
CA MET A 170 -13.08 -21.26 5.03
C MET A 170 -12.43 -20.69 6.28
N VAL A 171 -13.03 -20.93 7.44
CA VAL A 171 -12.60 -20.31 8.69
C VAL A 171 -11.14 -20.60 8.98
N TYR A 172 -10.70 -21.83 8.75
CA TYR A 172 -9.34 -22.20 9.13
C TYR A 172 -8.32 -21.65 8.14
N PHE A 173 -8.42 -22.02 6.87
CA PHE A 173 -7.36 -21.67 5.93
C PHE A 173 -7.59 -20.32 5.26
N ASN A 174 -8.79 -20.07 4.76
CA ASN A 174 -9.02 -18.88 3.93
C ASN A 174 -8.81 -17.61 4.73
N PHE A 175 -9.40 -17.52 5.91
CA PHE A 175 -9.13 -16.36 6.74
C PHE A 175 -7.68 -16.32 7.20
N PHE A 176 -7.28 -17.26 8.07
CA PHE A 176 -6.09 -17.06 8.89
C PHE A 176 -4.84 -16.79 8.05
N ALA A 177 -4.37 -17.79 7.32
CA ALA A 177 -3.10 -17.64 6.61
C ALA A 177 -3.16 -16.50 5.60
N CYS A 178 -3.95 -16.67 4.55
CA CYS A 178 -3.83 -15.81 3.38
C CYS A 178 -4.53 -14.46 3.54
N VAL A 179 -5.23 -14.22 4.66
CA VAL A 179 -5.60 -12.85 4.99
C VAL A 179 -4.60 -12.27 5.99
N LEU A 180 -4.53 -12.87 7.18
CA LEU A 180 -3.81 -12.25 8.28
C LEU A 180 -2.33 -12.10 7.99
N VAL A 181 -1.68 -13.17 7.52
CA VAL A 181 -0.23 -13.12 7.33
C VAL A 181 0.10 -12.00 6.35
N PRO A 182 -0.62 -11.85 5.22
CA PRO A 182 -0.47 -10.63 4.43
C PRO A 182 -0.70 -9.36 5.24
N LEU A 183 -1.73 -9.36 6.10
CA LEU A 183 -2.03 -8.15 6.87
C LEU A 183 -0.94 -7.85 7.90
N LEU A 184 -0.46 -8.87 8.61
CA LEU A 184 0.60 -8.62 9.58
C LEU A 184 1.88 -8.17 8.90
N LEU A 185 2.26 -8.83 7.80
CA LEU A 185 3.45 -8.42 7.05
C LEU A 185 3.29 -6.99 6.55
N MET A 186 2.10 -6.64 6.06
CA MET A 186 1.84 -5.31 5.54
C MET A 186 1.92 -4.27 6.64
N LEU A 187 1.38 -4.56 7.82
CA LEU A 187 1.47 -3.63 8.95
C LEU A 187 2.92 -3.41 9.37
N GLY A 188 3.70 -4.48 9.45
CA GLY A 188 5.10 -4.36 9.76
C GLY A 188 5.83 -3.52 8.72
N VAL A 189 5.48 -3.74 7.46
CA VAL A 189 6.10 -2.98 6.38
C VAL A 189 5.80 -1.49 6.51
N TYR A 190 4.54 -1.15 6.78
CA TYR A 190 4.18 0.26 6.89
C TYR A 190 4.84 0.92 8.10
N LEU A 191 4.91 0.21 9.23
CA LEU A 191 5.65 0.75 10.36
C LEU A 191 7.12 0.98 10.03
N ARG A 192 7.76 0.04 9.32
CA ARG A 192 9.15 0.22 8.91
C ARG A 192 9.29 1.42 7.97
N ILE A 193 8.34 1.59 7.06
CA ILE A 193 8.35 2.72 6.12
C ILE A 193 8.34 4.04 6.88
N PHE A 194 7.41 4.18 7.82
CA PHE A 194 7.33 5.43 8.55
C PHE A 194 8.55 5.67 9.44
N LEU A 195 9.07 4.60 10.07
CA LEU A 195 10.28 4.75 10.86
C LEU A 195 11.46 5.21 10.01
N ALA A 196 11.60 4.64 8.81
CA ALA A 196 12.70 5.02 7.93
C ALA A 196 12.61 6.49 7.53
N ALA A 197 11.42 6.96 7.20
CA ALA A 197 11.24 8.36 6.82
C ALA A 197 11.59 9.29 7.98
N ARG A 198 11.11 8.95 9.18
CA ARG A 198 11.43 9.78 10.34
C ARG A 198 12.93 9.81 10.61
N ARG A 199 13.58 8.65 10.51
CA ARG A 199 15.03 8.57 10.75
C ARG A 199 15.79 9.39 9.70
N GLN A 200 15.38 9.31 8.44
CA GLN A 200 16.07 10.05 7.40
C GLN A 200 15.92 11.56 7.60
N LEU A 201 14.72 12.03 7.93
CA LEU A 201 14.54 13.45 8.17
C LEU A 201 15.37 13.90 9.38
N ALA A 202 15.39 13.09 10.44
CA ALA A 202 16.20 13.43 11.60
C ALA A 202 17.68 13.50 11.25
N ASP A 203 18.16 12.57 10.43
CA ASP A 203 19.57 12.57 10.04
C ASP A 203 19.92 13.82 9.24
N LEU A 204 19.08 14.18 8.28
CA LEU A 204 19.34 15.39 7.50
C LEU A 204 19.36 16.62 8.40
N GLU A 205 18.39 16.73 9.31
CA GLU A 205 18.36 17.89 10.19
C GLU A 205 19.58 17.93 11.11
N ASP A 206 20.02 16.76 11.58
CA ASP A 206 21.21 16.70 12.44
C ASP A 206 22.45 17.15 11.68
N ASN A 207 22.61 16.69 10.43
CA ASN A 207 23.76 17.12 9.64
C ASN A 207 23.76 18.63 9.40
N TRP A 208 22.59 19.18 9.07
CA TRP A 208 22.50 20.63 8.89
C TRP A 208 22.82 21.36 10.20
N GLU A 209 22.32 20.85 11.32
CA GLU A 209 22.58 21.48 12.62
C GLU A 209 24.07 21.49 12.91
N THR A 210 24.77 20.39 12.63
CA THR A 210 26.21 20.36 12.86
C THR A 210 26.94 21.34 11.96
N LEU A 211 26.63 21.32 10.65
CA LEU A 211 27.32 22.21 9.72
C LEU A 211 27.04 23.68 9.98
N ASN A 212 25.98 24.01 10.72
CA ASN A 212 25.76 25.41 11.07
C ASN A 212 26.39 25.75 12.43
N ASP A 213 26.16 24.91 13.44
CA ASP A 213 26.62 25.21 14.79
C ASP A 213 28.15 25.22 14.86
N ASN A 214 28.81 24.26 14.20
CA ASN A 214 30.26 24.23 14.23
C ASN A 214 30.84 25.48 13.57
N LEU A 215 30.22 25.94 12.48
CA LEU A 215 30.68 27.16 11.84
C LEU A 215 30.54 28.35 12.78
N LYS A 216 29.37 28.48 13.42
CA LYS A 216 29.16 29.58 14.36
C LYS A 216 30.20 29.55 15.47
N VAL A 217 30.49 28.35 15.99
CA VAL A 217 31.55 28.22 17.01
C VAL A 217 32.90 28.64 16.43
N ILE A 218 33.09 28.42 15.12
CA ILE A 218 34.34 28.80 14.49
C ILE A 218 34.55 30.31 14.57
N GLU A 219 33.55 31.11 14.19
CA GLU A 219 33.76 32.56 14.37
C GLU A 219 33.76 32.95 15.85
N LYS A 220 33.04 32.20 16.69
CA LYS A 220 32.96 32.58 18.09
C LYS A 220 34.03 31.90 18.93
N ALA A 221 35.10 31.42 18.29
CA ALA A 221 36.15 30.67 18.96
C ALA A 221 37.47 31.43 18.87
N ASP A 222 38.53 30.78 19.36
CA ASP A 222 39.86 31.39 19.41
C ASP A 222 40.90 30.29 19.57
N ASN A 223 42.14 30.68 19.91
CA ASN A 223 43.28 29.81 20.24
C ASN A 223 43.29 28.46 19.54
N ALA A 224 43.22 28.48 18.20
CA ALA A 224 43.19 27.28 17.35
C ALA A 224 42.39 26.15 17.97
N ALA A 225 43.08 25.10 18.41
CA ALA A 225 42.54 23.93 19.10
C ALA A 225 41.06 23.67 18.83
N GLN A 226 40.20 24.56 19.33
CA GLN A 226 38.77 24.44 19.07
C GLN A 226 38.47 24.50 17.58
N VAL A 227 39.27 25.25 16.82
CA VAL A 227 39.07 25.35 15.37
C VAL A 227 39.29 24.00 14.72
N LYS A 228 40.43 23.37 15.02
CA LYS A 228 40.73 22.05 14.47
C LYS A 228 39.77 20.98 14.98
N ASP A 229 39.23 21.15 16.19
CA ASP A 229 38.18 20.25 16.67
C ASP A 229 36.89 20.41 15.87
N ALA A 230 36.50 21.65 15.59
CA ALA A 230 35.23 21.90 14.91
C ALA A 230 35.29 21.46 13.46
N LEU A 231 36.42 21.68 12.78
CA LEU A 231 36.51 21.27 11.39
C LEU A 231 36.51 19.76 11.23
N THR A 232 36.94 19.02 12.27
CA THR A 232 36.85 17.57 12.21
C THR A 232 35.39 17.14 12.17
N LYS A 233 34.57 17.74 13.03
CA LYS A 233 33.13 17.45 13.01
C LYS A 233 32.51 17.91 11.70
N MET A 234 32.99 19.02 11.16
CA MET A 234 32.52 19.47 9.84
C MET A 234 32.79 18.42 8.78
N ARG A 235 34.00 17.87 8.75
CA ARG A 235 34.34 16.85 7.76
C ARG A 235 33.48 15.61 7.94
N ALA A 236 33.31 15.18 9.20
CA ALA A 236 32.48 13.99 9.46
C ALA A 236 31.06 14.20 8.97
N ALA A 237 30.47 15.35 9.30
CA ALA A 237 29.10 15.63 8.88
C ALA A 237 28.99 15.75 7.37
N ALA A 238 29.97 16.39 6.73
CA ALA A 238 29.92 16.57 5.28
C ALA A 238 30.00 15.22 4.56
N LEU A 239 30.93 14.36 4.98
CA LEU A 239 31.01 13.04 4.37
C LEU A 239 29.74 12.24 4.60
N ASP A 240 29.19 12.28 5.83
CA ASP A 240 27.97 11.53 6.09
C ASP A 240 26.81 12.04 5.26
N ALA A 241 26.69 13.36 5.10
CA ALA A 241 25.63 13.92 4.26
C ALA A 241 25.81 13.54 2.80
N GLN A 242 27.05 13.52 2.32
CA GLN A 242 27.29 13.12 0.93
C GLN A 242 26.92 11.67 0.71
N LYS A 243 27.26 10.79 1.65
CA LYS A 243 26.83 9.40 1.56
C LYS A 243 25.32 9.28 1.70
N LYS A 260 24.85 15.90 -10.28
CA LYS A 260 26.04 16.75 -10.17
C LYS A 260 25.95 17.66 -8.96
N ASP A 261 24.72 18.02 -8.58
CA ASP A 261 24.49 19.01 -7.54
C ASP A 261 25.14 18.61 -6.22
N PHE A 262 24.64 17.53 -5.62
CA PHE A 262 25.11 17.13 -4.30
C PHE A 262 26.58 16.76 -4.33
N ARG A 263 26.99 15.98 -5.34
CA ARG A 263 28.37 15.50 -5.38
C ARG A 263 29.36 16.65 -5.53
N HIS A 264 29.10 17.55 -6.48
CA HIS A 264 30.01 18.68 -6.67
C HIS A 264 30.01 19.60 -5.46
N GLY A 265 28.83 19.86 -4.88
CA GLY A 265 28.78 20.73 -3.72
C GLY A 265 29.55 20.17 -2.55
N PHE A 266 29.36 18.89 -2.25
CA PHE A 266 30.07 18.30 -1.12
C PHE A 266 31.56 18.16 -1.39
N ASP A 267 31.96 17.89 -2.64
CA ASP A 267 33.38 17.84 -2.95
C ASP A 267 34.02 19.21 -2.74
N ILE A 268 33.38 20.28 -3.21
CA ILE A 268 33.91 21.62 -3.00
C ILE A 268 33.97 21.95 -1.52
N LEU A 269 32.92 21.57 -0.78
CA LEU A 269 32.88 21.89 0.65
C LEU A 269 33.98 21.17 1.42
N VAL A 270 34.17 19.87 1.15
CA VAL A 270 35.22 19.14 1.86
C VAL A 270 36.60 19.61 1.43
N GLY A 271 36.77 20.03 0.18
CA GLY A 271 38.03 20.62 -0.23
C GLY A 271 38.33 21.90 0.51
N GLN A 272 37.33 22.77 0.65
CA GLN A 272 37.53 24.02 1.38
C GLN A 272 37.80 23.74 2.86
N ILE A 273 37.14 22.74 3.44
CA ILE A 273 37.39 22.40 4.83
C ILE A 273 38.80 21.86 5.00
N ASP A 274 39.27 21.03 4.06
CA ASP A 274 40.64 20.54 4.12
C ASP A 274 41.63 21.69 4.03
N ASP A 275 41.36 22.66 3.14
CA ASP A 275 42.23 23.82 3.03
C ASP A 275 42.26 24.61 4.34
N ALA A 276 41.10 24.82 4.96
CA ALA A 276 41.05 25.54 6.22
C ALA A 276 41.78 24.81 7.33
N LEU A 277 41.61 23.48 7.40
CA LEU A 277 42.30 22.69 8.42
C LEU A 277 43.81 22.72 8.22
N LYS A 278 44.27 22.59 6.97
CA LYS A 278 45.69 22.66 6.70
C LYS A 278 46.26 24.03 7.04
N LEU A 279 45.49 25.09 6.77
CA LEU A 279 45.94 26.44 7.05
C LEU A 279 45.85 26.79 8.54
N ALA A 280 45.04 26.05 9.30
CA ALA A 280 44.93 26.30 10.74
C ALA A 280 45.84 25.41 11.58
N ASN A 281 46.31 24.29 11.02
CA ASN A 281 47.29 23.48 11.74
C ASN A 281 48.57 24.27 11.99
N GLU A 282 48.98 25.10 11.04
CA GLU A 282 50.15 25.93 11.21
C GLU A 282 49.97 27.00 12.27
N GLY A 283 48.73 27.26 12.71
CA GLY A 283 48.46 28.24 13.74
C GLY A 283 47.93 29.57 13.26
N LYS A 284 47.46 29.66 12.01
CA LYS A 284 47.07 30.94 11.41
C LYS A 284 45.56 31.08 11.47
N VAL A 285 45.09 31.51 12.66
CA VAL A 285 43.66 31.52 12.95
C VAL A 285 42.92 32.60 12.17
N LYS A 286 43.56 33.73 11.88
CA LYS A 286 42.85 34.79 11.17
C LYS A 286 42.39 34.32 9.80
N GLU A 287 43.28 33.70 9.03
CA GLU A 287 42.87 33.13 7.76
C GLU A 287 42.15 31.80 7.92
N ALA A 288 42.21 31.18 9.10
CA ALA A 288 41.28 30.07 9.36
C ALA A 288 39.83 30.57 9.35
N GLN A 289 39.54 31.64 10.09
CA GLN A 289 38.22 32.26 10.01
C GLN A 289 37.93 32.83 8.62
N ALA A 290 38.95 33.30 7.92
CA ALA A 290 38.74 33.73 6.53
C ALA A 290 38.25 32.57 5.67
N ALA A 291 38.86 31.39 5.84
CA ALA A 291 38.41 30.21 5.10
C ALA A 291 37.01 29.77 5.53
N ALA A 292 36.68 29.93 6.81
CA ALA A 292 35.31 29.65 7.24
C ALA A 292 34.31 30.57 6.55
N GLU A 293 34.65 31.86 6.46
CA GLU A 293 33.79 32.79 5.71
C GLU A 293 33.69 32.37 4.25
N GLN A 294 34.77 31.83 3.70
CA GLN A 294 34.75 31.29 2.34
C GLN A 294 33.77 30.12 2.24
N LEU A 295 33.75 29.26 3.26
CA LEU A 295 32.80 28.15 3.30
C LEU A 295 31.37 28.68 3.25
N LYS A 296 31.12 29.74 4.01
CA LYS A 296 29.77 30.28 4.21
C LYS A 296 29.01 30.55 2.92
N THR A 297 29.69 30.59 1.77
CA THR A 297 29.03 30.81 0.49
C THR A 297 28.58 29.50 -0.15
N THR A 298 29.51 28.55 -0.28
CA THR A 298 29.18 27.24 -0.83
C THR A 298 28.15 26.54 0.03
N ARG A 299 28.33 26.61 1.35
CA ARG A 299 27.34 26.09 2.29
C ARG A 299 25.96 26.59 1.88
N ASN A 300 25.75 27.90 1.97
CA ASN A 300 24.46 28.49 1.67
C ASN A 300 23.94 27.95 0.35
N ALA A 301 24.63 28.26 -0.74
CA ALA A 301 24.07 27.95 -2.05
C ALA A 301 23.75 26.46 -2.19
N TYR A 302 24.79 25.61 -2.21
CA TYR A 302 24.58 24.23 -2.61
C TYR A 302 23.85 23.45 -1.54
N ILE A 303 24.25 23.61 -0.27
CA ILE A 303 23.63 22.82 0.79
C ILE A 303 22.17 23.22 0.96
N GLN A 304 21.86 24.52 0.88
CA GLN A 304 20.47 24.93 1.01
C GLN A 304 19.63 24.40 -0.15
N LYS A 305 20.16 24.43 -1.38
CA LYS A 305 19.40 23.88 -2.49
C LYS A 305 19.14 22.39 -2.30
N TYR A 306 20.17 21.65 -1.88
CA TYR A 306 20.02 20.21 -1.68
C TYR A 306 19.02 19.91 -0.58
N LEU A 307 19.09 20.66 0.53
CA LEU A 307 18.18 20.42 1.64
C LEU A 307 16.74 20.73 1.25
N GLU A 308 16.52 21.83 0.53
CA GLU A 308 15.19 22.20 0.10
C GLU A 308 14.61 21.17 -0.88
N ARG A 309 15.45 20.57 -1.72
CA ARG A 309 14.94 19.53 -2.61
C ARG A 309 14.63 18.24 -1.84
N ALA A 310 15.53 17.84 -0.94
CA ALA A 310 15.39 16.59 -0.21
C ALA A 310 14.17 16.60 0.70
N ARG A 311 13.92 17.71 1.40
CA ARG A 311 12.77 17.78 2.28
C ARG A 311 11.47 17.60 1.52
N SER A 312 11.34 18.28 0.37
CA SER A 312 10.13 18.15 -0.44
C SER A 312 9.97 16.74 -0.99
N THR A 313 11.08 16.12 -1.44
CA THR A 313 10.99 14.75 -1.93
C THR A 313 10.51 13.79 -0.85
N LEU A 314 11.08 13.92 0.35
CA LEU A 314 10.68 13.05 1.45
C LEU A 314 9.22 13.28 1.83
N GLN A 315 8.78 14.55 1.82
CA GLN A 315 7.39 14.85 2.13
C GLN A 315 6.44 14.22 1.12
N LYS A 316 6.80 14.29 -0.17
CA LYS A 316 5.96 13.66 -1.19
C LYS A 316 5.88 12.15 -1.00
N GLU A 317 7.02 11.52 -0.71
CA GLU A 317 7.01 10.07 -0.48
C GLU A 317 6.14 9.72 0.73
N VAL A 318 6.25 10.50 1.80
CA VAL A 318 5.45 10.24 2.99
C VAL A 318 3.96 10.39 2.69
N HIS A 319 3.61 11.41 1.90
CA HIS A 319 2.20 11.61 1.55
C HIS A 319 1.65 10.43 0.76
N ALA A 320 2.42 9.95 -0.22
CA ALA A 320 1.98 8.79 -1.00
C ALA A 320 1.81 7.57 -0.11
N ALA A 321 2.77 7.35 0.79
CA ALA A 321 2.69 6.21 1.71
C ALA A 321 1.46 6.32 2.60
N LYS A 322 1.15 7.53 3.08
CA LYS A 322 -0.03 7.71 3.92
C LYS A 322 -1.32 7.41 3.16
N SER A 323 -1.38 7.85 1.89
CA SER A 323 -2.55 7.55 1.07
C SER A 323 -2.76 6.04 0.94
N LEU A 324 -1.69 5.34 0.60
CA LEU A 324 -1.80 3.89 0.40
C LEU A 324 -2.10 3.17 1.70
N ALA A 325 -1.58 3.69 2.82
CA ALA A 325 -1.91 3.14 4.12
C ALA A 325 -3.39 3.32 4.45
N ILE A 326 -3.96 4.47 4.08
CA ILE A 326 -5.39 4.69 4.30
C ILE A 326 -6.20 3.69 3.47
N ILE A 327 -5.81 3.46 2.22
CA ILE A 327 -6.50 2.48 1.39
C ILE A 327 -6.44 1.11 2.05
N VAL A 328 -5.26 0.72 2.54
CA VAL A 328 -5.10 -0.57 3.20
C VAL A 328 -5.99 -0.68 4.43
N GLY A 329 -6.01 0.37 5.26
CA GLY A 329 -6.81 0.33 6.47
C GLY A 329 -8.30 0.20 6.17
N LEU A 330 -8.77 0.92 5.14
CA LEU A 330 -10.15 0.78 4.74
C LEU A 330 -10.46 -0.64 4.27
N PHE A 331 -9.57 -1.22 3.46
CA PHE A 331 -9.76 -2.60 3.02
C PHE A 331 -9.88 -3.54 4.22
N ALA A 332 -8.96 -3.42 5.16
CA ALA A 332 -8.94 -4.34 6.30
C ALA A 332 -10.20 -4.17 7.15
N LEU A 333 -10.61 -2.92 7.39
CA LEU A 333 -11.73 -2.66 8.30
C LEU A 333 -13.06 -2.94 7.61
N CYS A 334 -13.01 -3.11 6.28
CA CYS A 334 -14.21 -3.47 5.56
C CYS A 334 -14.34 -4.98 5.38
N TRP A 335 -13.21 -5.70 5.35
CA TRP A 335 -13.26 -7.15 5.19
C TRP A 335 -13.06 -7.91 6.49
N LEU A 336 -12.87 -7.20 7.61
CA LEU A 336 -12.69 -7.85 8.91
C LEU A 336 -13.97 -8.38 9.54
N PRO A 337 -15.03 -7.56 9.68
CA PRO A 337 -16.20 -8.02 10.46
C PRO A 337 -16.85 -9.29 9.94
N LEU A 338 -16.89 -9.46 8.61
CA LEU A 338 -17.51 -10.66 8.04
C LEU A 338 -16.76 -11.91 8.48
N HIS A 339 -15.44 -11.91 8.33
CA HIS A 339 -14.64 -13.06 8.77
C HIS A 339 -14.72 -13.26 10.28
N ILE A 340 -14.78 -12.17 11.04
CA ILE A 340 -14.87 -12.30 12.50
C ILE A 340 -16.16 -13.00 12.90
N ILE A 341 -17.29 -12.57 12.32
CA ILE A 341 -18.54 -13.22 12.66
C ILE A 341 -18.55 -14.66 12.14
N ASN A 342 -17.90 -14.91 11.00
CA ASN A 342 -17.85 -16.27 10.46
C ASN A 342 -17.09 -17.20 11.40
N CYS A 343 -15.93 -16.75 11.88
CA CYS A 343 -15.15 -17.60 12.79
C CYS A 343 -15.82 -17.72 14.15
N PHE A 344 -16.55 -16.69 14.59
CA PHE A 344 -17.34 -16.80 15.80
C PHE A 344 -18.38 -17.91 15.67
N THR A 345 -19.12 -17.91 14.55
CA THR A 345 -20.10 -18.95 14.32
C THR A 345 -19.48 -20.34 14.21
N PHE A 346 -18.30 -20.43 13.58
CA PHE A 346 -17.66 -21.74 13.46
C PHE A 346 -17.15 -22.25 14.81
N PHE A 347 -16.52 -21.40 15.60
CA PHE A 347 -15.89 -21.82 16.84
C PHE A 347 -16.82 -21.82 18.04
N CYS A 348 -18.08 -21.39 17.89
CA CYS A 348 -19.09 -21.57 18.92
C CYS A 348 -20.30 -22.25 18.32
N PRO A 349 -20.21 -23.56 18.06
CA PRO A 349 -21.41 -24.29 17.60
C PRO A 349 -22.54 -24.27 18.60
N ASP A 350 -22.24 -24.26 19.90
CA ASP A 350 -23.28 -24.18 20.90
C ASP A 350 -23.98 -22.82 20.91
N CYS A 351 -23.30 -21.77 20.46
CA CYS A 351 -23.93 -20.47 20.34
C CYS A 351 -25.06 -20.51 19.31
N SER A 352 -26.09 -19.71 19.57
CA SER A 352 -27.19 -19.60 18.62
C SER A 352 -26.68 -19.01 17.31
N HIS A 353 -27.26 -19.46 16.20
CA HIS A 353 -26.83 -19.01 14.89
C HIS A 353 -27.04 -17.50 14.75
N ALA A 354 -26.12 -16.84 14.05
CA ALA A 354 -26.16 -15.40 13.88
C ALA A 354 -27.43 -14.99 13.15
N PRO A 355 -28.04 -13.85 13.51
CA PRO A 355 -29.28 -13.42 12.86
C PRO A 355 -29.07 -13.19 11.37
N LEU A 356 -30.09 -13.53 10.58
CA LEU A 356 -30.01 -13.38 9.13
C LEU A 356 -29.91 -11.91 8.74
N TRP A 357 -30.67 -11.05 9.40
CA TRP A 357 -30.70 -9.64 9.02
C TRP A 357 -29.37 -8.96 9.29
N LEU A 358 -28.66 -9.40 10.33
CA LEU A 358 -27.35 -8.81 10.62
C LEU A 358 -26.29 -9.35 9.67
N MET A 359 -26.39 -10.63 9.30
CA MET A 359 -25.42 -11.22 8.38
C MET A 359 -25.48 -10.54 7.01
N TYR A 360 -26.69 -10.25 6.54
CA TYR A 360 -26.83 -9.54 5.27
C TYR A 360 -26.24 -8.14 5.36
N LEU A 361 -26.35 -7.50 6.52
CA LEU A 361 -25.78 -6.17 6.69
C LEU A 361 -24.25 -6.21 6.59
N ALA A 362 -23.63 -7.22 7.18
CA ALA A 362 -22.17 -7.33 7.11
C ALA A 362 -21.71 -7.55 5.68
N ILE A 363 -22.44 -8.38 4.92
CA ILE A 363 -22.08 -8.61 3.53
C ILE A 363 -22.16 -7.32 2.73
N VAL A 364 -23.16 -6.47 3.03
CA VAL A 364 -23.29 -5.20 2.34
C VAL A 364 -22.06 -4.33 2.60
N LEU A 365 -21.59 -4.31 3.85
CA LEU A 365 -20.42 -3.52 4.22
C LEU A 365 -19.18 -3.97 3.46
N SER A 366 -19.01 -5.28 3.32
CA SER A 366 -17.84 -5.83 2.63
C SER A 366 -17.81 -5.41 1.16
N HIS A 367 -18.94 -5.52 0.47
CA HIS A 367 -19.01 -5.16 -0.94
C HIS A 367 -18.88 -3.66 -1.13
N THR A 368 -19.19 -2.89 -0.09
CA THR A 368 -19.12 -1.44 -0.13
C THR A 368 -17.69 -0.97 -0.38
N ASN A 369 -16.72 -1.79 0.03
CA ASN A 369 -15.31 -1.47 -0.05
C ASN A 369 -14.90 -1.02 -1.45
N SER A 370 -15.44 -1.67 -2.48
CA SER A 370 -15.09 -1.36 -3.86
C SER A 370 -15.42 0.10 -4.20
N VAL A 371 -16.51 0.62 -3.62
CA VAL A 371 -16.90 2.00 -3.89
C VAL A 371 -15.92 2.99 -3.28
N VAL A 372 -15.29 2.61 -2.16
CA VAL A 372 -14.49 3.56 -1.39
C VAL A 372 -13.19 3.96 -2.09
N ASN A 373 -12.57 3.05 -2.86
CA ASN A 373 -11.25 3.32 -3.43
C ASN A 373 -11.16 4.59 -4.27
N PRO A 374 -12.04 4.83 -5.26
CA PRO A 374 -11.85 6.03 -6.09
C PRO A 374 -12.02 7.34 -5.32
N PHE A 375 -12.81 7.34 -4.25
CA PHE A 375 -13.02 8.58 -3.50
C PHE A 375 -11.74 9.06 -2.84
N ILE A 376 -10.94 8.14 -2.32
CA ILE A 376 -9.67 8.52 -1.71
C ILE A 376 -8.74 9.11 -2.75
N TYR A 377 -8.69 8.49 -3.93
CA TYR A 377 -7.80 8.98 -4.99
C TYR A 377 -8.29 10.28 -5.58
N ALA A 378 -9.59 10.55 -5.49
CA ALA A 378 -10.15 11.80 -5.99
C ALA A 378 -10.09 12.92 -4.96
N TYR A 379 -9.75 12.61 -3.71
CA TYR A 379 -9.77 13.61 -2.65
C TYR A 379 -8.37 13.98 -2.18
N ARG A 380 -7.42 13.06 -2.27
CA ARG A 380 -6.09 13.27 -1.73
C ARG A 380 -5.02 13.49 -2.80
N ILE A 381 -4.96 12.64 -3.81
CA ILE A 381 -4.02 12.79 -4.90
C ILE A 381 -4.56 13.85 -5.86
N ARG A 382 -3.80 14.94 -6.03
CA ARG A 382 -4.25 16.01 -6.91
C ARG A 382 -4.15 15.63 -8.38
N GLU A 383 -3.27 14.68 -8.74
CA GLU A 383 -3.14 14.27 -10.13
C GLU A 383 -4.42 13.65 -10.66
N PHE A 384 -5.06 12.80 -9.85
CA PHE A 384 -6.33 12.21 -10.26
C PHE A 384 -7.47 13.22 -10.15
N ARG A 385 -7.34 14.21 -9.28
CA ARG A 385 -8.41 15.18 -9.09
C ARG A 385 -8.70 15.96 -10.38
N GLN A 386 -7.64 16.38 -11.07
CA GLN A 386 -7.82 17.18 -12.28
C GLN A 386 -8.48 16.38 -13.39
N THR A 387 -8.08 15.12 -13.54
CA THR A 387 -8.57 14.32 -14.67
C THR A 387 -10.00 13.86 -14.47
N PHE A 388 -10.42 13.68 -13.20
CA PHE A 388 -11.82 13.36 -12.94
C PHE A 388 -12.73 14.56 -13.21
N ARG A 389 -12.27 15.76 -12.86
CA ARG A 389 -13.02 16.97 -13.20
C ARG A 389 -13.09 17.17 -14.70
N LYS A 390 -12.08 16.69 -15.44
CA LYS A 390 -12.07 16.80 -16.88
C LYS A 390 -13.21 16.00 -17.48
N ILE A 391 -13.46 14.80 -16.97
CA ILE A 391 -14.58 13.98 -17.43
C ILE A 391 -15.90 14.60 -17.00
#